data_8TZS
#
_entry.id   8TZS
#
_cell.length_a   1.00
_cell.length_b   1.00
_cell.length_c   1.00
_cell.angle_alpha   90.00
_cell.angle_beta   90.00
_cell.angle_gamma   90.00
#
_symmetry.space_group_name_H-M   'P 1'
#
_entity_poly.entity_id   1
_entity_poly.type   'polypeptide(L)'
_entity_poly.pdbx_seq_one_letter_code
;MAGAIIENMSTKKLCIVGGILLVFQIIAFLVGGLIAPGPTTAVSYMSVKCVDARKNHHKTKWFVPWGPNHCDKIRDIEEA
IPREIEANDIVFSVHIPLPHMEMSPWFQFMLFILQLDIAFKLNNQIRENAEVSMDVSLAYRDDAFAEWTEMAHERVPRKL
KCTFTSPKTPEHEGRYYECDVLPFMEIGSVAHKFYLLNIRLPVNEKKKINVGIGEIKDIRLVGIHQNGGFTKVWFAMKTF
LTPSIFIIMVWYWRRITMMSRPPVLLEKVIFALGISMTFINIPVEWFSIGFDWTWMLLFGDIRQGIFYAMLLSFWIIFCG
EHMMDQHERNHIAGYWKQVGPIAVGSFCLFIFDMCERGVQLTNPFYSIWTTDIGTELAMAFIIVAGICLCLYFLFLCFMV
FQVFRNISGKQSSLPAMSKVRRLHYEGLIFRFKFLMLITLACAAMTVIFFIVSQVTEGHWKWGGVTVQVNSAFFTGIYGM
WNLYVFALMFLYAPSHKNYGEDQSNGDLGVHSGEELQLTTTITHVDGPTEIYKLTRKEAQE
;
_entity_poly.pdbx_strand_id   A
#
# COMPACT_ATOMS: atom_id res chain seq x y z
N GLY A 3 -28.05 -30.98 -5.86
CA GLY A 3 -27.78 -31.34 -4.49
C GLY A 3 -26.49 -30.75 -3.93
N ALA A 4 -26.42 -29.42 -3.91
CA ALA A 4 -25.26 -28.74 -3.38
C ALA A 4 -25.16 -28.93 -1.86
N ILE A 5 -24.04 -28.49 -1.30
CA ILE A 5 -23.87 -28.54 0.15
C ILE A 5 -24.92 -27.67 0.84
N ILE A 6 -25.11 -26.44 0.34
CA ILE A 6 -25.89 -25.46 1.08
C ILE A 6 -27.34 -25.89 1.23
N GLU A 7 -27.82 -26.76 0.35
CA GLU A 7 -29.22 -27.18 0.39
C GLU A 7 -29.43 -28.59 0.93
N ASN A 8 -28.40 -29.44 0.93
CA ASN A 8 -28.51 -30.74 1.58
C ASN A 8 -28.01 -30.74 3.02
N MET A 9 -26.96 -29.98 3.32
CA MET A 9 -26.28 -30.11 4.61
C MET A 9 -27.21 -29.75 5.76
N SER A 10 -27.14 -30.56 6.82
CA SER A 10 -27.91 -30.29 8.03
C SER A 10 -27.26 -29.17 8.84
N THR A 11 -28.08 -28.45 9.59
CA THR A 11 -27.59 -27.34 10.39
C THR A 11 -26.53 -27.79 11.39
N LYS A 12 -26.65 -29.02 11.89
CA LYS A 12 -25.62 -29.55 12.79
C LYS A 12 -24.28 -29.65 12.07
N LYS A 13 -24.31 -30.11 10.82
CA LYS A 13 -23.08 -30.08 10.02
C LYS A 13 -22.63 -28.67 9.73
N LEU A 14 -23.57 -27.74 9.57
CA LEU A 14 -23.23 -26.37 9.19
C LEU A 14 -22.50 -25.63 10.30
N CYS A 15 -23.02 -25.72 11.52
CA CYS A 15 -22.55 -24.83 12.58
C CYS A 15 -21.13 -25.14 13.02
N ILE A 16 -20.72 -26.40 13.03
CA ILE A 16 -19.33 -26.72 13.39
C ILE A 16 -18.37 -26.16 12.35
N VAL A 17 -18.72 -26.27 11.06
CA VAL A 17 -17.89 -25.70 10.02
C VAL A 17 -17.82 -24.19 10.15
N GLY A 18 -18.97 -23.57 10.39
CA GLY A 18 -18.99 -22.13 10.59
C GLY A 18 -18.12 -21.69 11.75
N GLY A 19 -18.22 -22.41 12.87
CA GLY A 19 -17.41 -22.13 14.03
C GLY A 19 -15.92 -22.27 13.80
N ILE A 20 -15.50 -23.35 13.13
CA ILE A 20 -14.06 -23.54 12.90
C ILE A 20 -13.54 -22.50 11.92
N LEU A 21 -14.33 -22.17 10.89
CA LEU A 21 -13.90 -21.13 9.97
C LEU A 21 -13.79 -19.78 10.68
N LEU A 22 -14.75 -19.47 11.55
CA LEU A 22 -14.68 -18.23 12.32
C LEU A 22 -13.49 -18.24 13.27
N VAL A 23 -13.14 -19.42 13.80
CA VAL A 23 -11.97 -19.53 14.65
C VAL A 23 -10.70 -19.20 13.87
N PHE A 24 -10.60 -19.73 12.65
CA PHE A 24 -9.49 -19.38 11.78
C PHE A 24 -9.46 -17.88 11.52
N GLN A 25 -10.63 -17.28 11.28
CA GLN A 25 -10.69 -15.86 11.01
C GLN A 25 -10.21 -15.05 12.22
N ILE A 26 -10.61 -15.45 13.42
CA ILE A 26 -10.23 -14.69 14.62
C ILE A 26 -8.73 -14.81 14.90
N ILE A 27 -8.17 -16.01 14.73
CA ILE A 27 -6.73 -16.14 14.95
C ILE A 27 -5.96 -15.36 13.89
N ALA A 28 -6.42 -15.38 12.64
CA ALA A 28 -5.78 -14.59 11.61
C ALA A 28 -5.92 -13.10 11.88
N PHE A 29 -6.96 -12.69 12.59
CA PHE A 29 -7.07 -11.31 13.03
C PHE A 29 -6.02 -10.98 14.08
N LEU A 30 -5.93 -11.81 15.12
CA LEU A 30 -5.13 -11.43 16.27
C LEU A 30 -3.63 -11.73 16.11
N VAL A 31 -3.24 -12.52 15.10
CA VAL A 31 -1.81 -12.72 14.88
C VAL A 31 -1.13 -11.42 14.54
N GLY A 32 -1.82 -10.53 13.80
CA GLY A 32 -1.23 -9.24 13.47
C GLY A 32 -0.96 -8.42 14.71
N GLY A 33 -1.91 -8.37 15.63
CA GLY A 33 -1.69 -7.65 16.88
C GLY A 33 -0.65 -8.29 17.75
N LEU A 34 -0.55 -9.63 17.72
CA LEU A 34 0.44 -10.33 18.51
C LEU A 34 1.86 -10.07 18.01
N ILE A 35 2.15 -10.52 16.80
CA ILE A 35 3.52 -10.56 16.32
C ILE A 35 4.06 -9.15 16.04
N ALA A 36 3.29 -8.32 15.35
CA ALA A 36 3.76 -7.01 14.90
C ALA A 36 2.62 -6.00 14.99
N PRO A 37 2.39 -5.44 16.17
CA PRO A 37 1.36 -4.41 16.31
C PRO A 37 1.78 -3.09 15.68
N GLY A 38 1.90 -3.10 14.35
CA GLY A 38 2.27 -1.92 13.60
C GLY A 38 3.24 -2.27 12.49
N PRO A 39 2.85 -1.99 11.25
CA PRO A 39 3.64 -2.48 10.11
C PRO A 39 4.84 -1.62 9.77
N THR A 40 4.80 -0.32 10.02
CA THR A 40 5.81 0.60 9.52
C THR A 40 6.68 1.10 10.67
N THR A 41 7.99 0.95 10.52
CA THR A 41 8.96 1.40 11.53
C THR A 41 9.37 2.84 11.22
N ALA A 42 8.97 3.78 12.06
CA ALA A 42 9.42 5.15 11.90
C ALA A 42 10.79 5.35 12.53
N VAL A 43 11.63 6.15 11.87
CA VAL A 43 12.99 6.38 12.34
C VAL A 43 13.49 7.70 11.77
N SER A 44 14.39 8.35 12.50
CA SER A 44 14.86 9.68 12.17
C SER A 44 16.38 9.73 12.20
N TYR A 45 16.97 10.29 11.15
CA TYR A 45 18.42 10.41 11.00
C TYR A 45 18.79 11.88 10.95
N MET A 46 19.72 12.30 11.79
CA MET A 46 20.22 13.66 11.76
C MET A 46 21.41 13.75 10.81
N SER A 47 21.36 14.72 9.89
CA SER A 47 22.40 14.82 8.88
C SER A 47 23.69 15.37 9.47
N VAL A 48 24.80 15.05 8.81
CA VAL A 48 26.13 15.52 9.18
C VAL A 48 26.60 16.50 8.13
N LYS A 49 27.06 17.68 8.57
CA LYS A 49 27.42 18.76 7.67
C LYS A 49 28.90 18.66 7.31
N CYS A 50 29.18 18.02 6.19
CA CYS A 50 30.54 17.87 5.71
C CYS A 50 30.98 19.06 4.86
N VAL A 51 32.29 19.14 4.63
CA VAL A 51 32.91 20.12 3.75
C VAL A 51 33.95 19.41 2.90
N ASP A 52 34.06 19.81 1.64
CA ASP A 52 35.03 19.23 0.73
C ASP A 52 36.17 20.20 0.46
N ALA A 53 37.19 19.70 -0.23
CA ALA A 53 38.39 20.46 -0.52
C ALA A 53 38.31 21.24 -1.82
N ARG A 54 37.16 21.24 -2.49
CA ARG A 54 36.97 21.93 -3.77
C ARG A 54 37.93 21.39 -4.83
N LYS A 55 38.04 20.05 -4.87
CA LYS A 55 38.91 19.36 -5.81
C LYS A 55 38.17 18.32 -6.64
N ASN A 56 36.85 18.24 -6.54
CA ASN A 56 36.10 17.17 -7.17
C ASN A 56 35.05 17.69 -8.16
N HIS A 57 35.43 18.65 -9.00
CA HIS A 57 34.49 19.24 -9.95
C HIS A 57 34.22 18.33 -11.13
N HIS A 58 35.28 17.86 -11.80
CA HIS A 58 35.09 16.97 -12.95
C HIS A 58 34.66 15.58 -12.51
N LYS A 59 35.20 15.06 -11.42
CA LYS A 59 34.84 13.76 -10.89
C LYS A 59 34.25 13.95 -9.49
N THR A 60 33.04 13.43 -9.29
CA THR A 60 32.38 13.57 -8.00
C THR A 60 32.99 12.62 -6.98
N LYS A 61 32.77 12.95 -5.70
CA LYS A 61 33.33 12.18 -4.60
C LYS A 61 32.29 12.07 -3.50
N TRP A 62 32.19 10.87 -2.91
CA TRP A 62 31.30 10.62 -1.79
C TRP A 62 31.94 11.06 -0.48
N PHE A 63 31.10 11.29 0.52
CA PHE A 63 31.56 11.67 1.85
C PHE A 63 30.76 10.92 2.89
N VAL A 64 31.45 10.38 3.89
CA VAL A 64 30.85 9.52 4.91
C VAL A 64 30.82 10.24 6.25
N PRO A 65 29.71 10.19 6.98
CA PRO A 65 29.65 10.91 8.26
C PRO A 65 30.60 10.38 9.31
N TRP A 66 30.58 9.07 9.58
CA TRP A 66 31.33 8.50 10.68
C TRP A 66 31.99 7.20 10.24
N GLY A 67 32.92 6.73 11.07
CA GLY A 67 33.69 5.55 10.77
C GLY A 67 35.06 5.90 10.24
N PRO A 68 35.73 4.93 9.61
CA PRO A 68 37.01 5.23 8.97
C PRO A 68 36.82 6.21 7.81
N ASN A 69 37.88 6.99 7.55
CA ASN A 69 37.93 8.01 6.49
C ASN A 69 36.70 8.93 6.51
N HIS A 70 36.09 9.12 7.68
CA HIS A 70 34.95 10.01 7.80
C HIS A 70 35.36 11.46 7.56
N CYS A 71 34.40 12.24 7.06
CA CYS A 71 34.67 13.61 6.64
C CYS A 71 34.93 14.52 7.83
N ASP A 72 35.45 15.71 7.52
CA ASP A 72 35.54 16.77 8.51
C ASP A 72 34.21 17.50 8.62
N LYS A 73 33.71 17.64 9.83
CA LYS A 73 32.34 18.11 10.08
C LYS A 73 32.39 19.53 10.61
N ILE A 74 31.70 20.45 9.92
CA ILE A 74 31.66 21.83 10.39
C ILE A 74 30.79 21.91 11.64
N ARG A 75 31.37 22.50 12.69
CA ARG A 75 30.71 22.48 13.99
C ARG A 75 29.40 23.25 13.96
N ASP A 76 29.39 24.39 13.28
CA ASP A 76 28.17 25.15 13.03
C ASP A 76 28.45 26.10 11.86
N ILE A 77 27.37 26.63 11.29
CA ILE A 77 27.46 27.43 10.06
C ILE A 77 28.19 28.74 10.32
N GLU A 78 28.35 29.09 11.60
CA GLU A 78 29.17 30.22 11.99
C GLU A 78 30.63 29.86 12.15
N GLU A 79 30.92 28.63 12.58
CA GLU A 79 32.31 28.18 12.68
C GLU A 79 33.00 28.16 11.33
N ALA A 80 32.23 28.08 10.24
CA ALA A 80 32.81 28.07 8.90
C ALA A 80 33.45 29.41 8.55
N ILE A 81 32.96 30.50 9.14
CA ILE A 81 33.43 31.84 8.80
C ILE A 81 34.89 32.05 9.24
N PRO A 82 35.28 31.70 10.47
CA PRO A 82 36.72 31.74 10.80
C PRO A 82 37.54 30.80 9.95
N ARG A 83 36.93 29.76 9.38
CA ARG A 83 37.56 28.89 8.40
C ARG A 83 37.38 29.41 6.98
N GLU A 84 36.63 30.51 6.82
CA GLU A 84 36.40 31.14 5.53
C GLU A 84 35.82 30.16 4.51
N ILE A 85 34.94 29.28 4.98
CA ILE A 85 34.28 28.33 4.09
C ILE A 85 33.25 29.06 3.24
N GLU A 86 33.22 28.72 1.95
CA GLU A 86 32.32 29.36 0.99
C GLU A 86 31.23 28.38 0.60
N ALA A 87 30.15 28.91 0.02
CA ALA A 87 29.04 28.08 -0.45
C ALA A 87 29.54 27.01 -1.42
N ASN A 88 28.79 25.91 -1.48
CA ASN A 88 29.07 24.74 -2.32
C ASN A 88 30.24 23.93 -1.78
N ASP A 89 30.94 24.46 -0.78
CA ASP A 89 31.87 23.62 -0.03
C ASP A 89 31.13 22.71 0.93
N ILE A 90 29.95 23.14 1.38
CA ILE A 90 29.18 22.36 2.34
C ILE A 90 28.40 21.27 1.61
N VAL A 91 28.52 20.04 2.12
CA VAL A 91 27.71 18.92 1.66
C VAL A 91 27.10 18.24 2.87
N PHE A 92 25.83 17.89 2.77
CA PHE A 92 25.15 17.16 3.83
C PHE A 92 25.31 15.66 3.59
N SER A 93 25.43 14.90 4.67
CA SER A 93 25.65 13.47 4.55
C SER A 93 24.78 12.72 5.56
N VAL A 94 24.21 11.61 5.11
CA VAL A 94 23.40 10.74 5.96
C VAL A 94 23.74 9.29 5.66
N HIS A 95 24.55 8.67 6.52
CA HIS A 95 24.81 7.23 6.39
C HIS A 95 23.63 6.50 7.00
N ILE A 96 22.87 5.81 6.15
CA ILE A 96 21.49 5.42 6.47
C ILE A 96 21.41 4.49 7.68
N PRO A 97 22.17 3.39 7.76
CA PRO A 97 22.11 2.58 8.97
C PRO A 97 22.84 3.24 10.13
N LEU A 98 22.24 3.10 11.32
CA LEU A 98 22.85 3.61 12.54
C LEU A 98 24.07 2.77 12.89
N PRO A 99 24.98 3.30 13.73
CA PRO A 99 26.20 2.56 14.04
C PRO A 99 25.92 1.18 14.63
N HIS A 100 26.72 0.21 14.22
CA HIS A 100 26.67 -1.15 14.73
C HIS A 100 25.31 -1.81 14.49
N MET A 101 24.74 -1.56 13.31
CA MET A 101 23.69 -2.40 12.76
C MET A 101 23.61 -2.14 11.27
N GLU A 102 22.73 -2.89 10.61
CA GLU A 102 22.65 -2.89 9.15
C GLU A 102 21.20 -2.91 8.70
N MET A 103 20.98 -2.52 7.46
CA MET A 103 19.68 -2.71 6.84
C MET A 103 19.49 -4.15 6.39
N SER A 104 18.24 -4.60 6.40
CA SER A 104 17.90 -5.98 6.08
C SER A 104 16.92 -6.01 4.92
N PRO A 105 17.02 -7.02 4.04
CA PRO A 105 16.09 -7.11 2.91
C PRO A 105 14.66 -7.34 3.34
N TRP A 106 14.44 -7.79 4.59
CA TRP A 106 13.08 -8.02 5.05
C TRP A 106 12.28 -6.73 5.06
N PHE A 107 12.93 -5.61 5.34
CA PHE A 107 12.26 -4.31 5.22
C PHE A 107 11.99 -4.06 3.75
N GLN A 108 10.75 -4.29 3.31
CA GLN A 108 10.48 -4.34 1.88
C GLN A 108 10.74 -3.00 1.19
N PHE A 109 10.19 -1.91 1.73
CA PHE A 109 10.25 -0.63 1.06
C PHE A 109 10.70 0.46 2.03
N MET A 110 11.18 1.56 1.46
CA MET A 110 11.68 2.69 2.22
C MET A 110 10.96 3.96 1.79
N LEU A 111 10.59 4.79 2.76
CA LEU A 111 9.96 6.07 2.54
C LEU A 111 10.79 7.13 3.23
N PHE A 112 11.03 8.26 2.57
CA PHE A 112 11.78 9.33 3.19
C PHE A 112 11.15 10.69 2.92
N ILE A 113 11.09 11.48 3.98
CA ILE A 113 10.61 12.84 3.94
C ILE A 113 11.62 13.71 4.68
N LEU A 114 11.86 14.90 4.13
CA LEU A 114 12.80 15.81 4.75
C LEU A 114 12.13 16.60 5.87
N GLN A 115 12.92 17.00 6.85
CA GLN A 115 12.51 18.00 7.83
C GLN A 115 13.57 19.09 7.84
N LEU A 116 13.14 20.33 7.71
CA LEU A 116 14.03 21.45 7.42
C LEU A 116 14.13 22.38 8.63
N ASP A 117 15.35 22.72 9.00
CA ASP A 117 15.62 23.67 10.08
C ASP A 117 16.27 24.90 9.44
N ILE A 118 15.43 25.89 9.13
CA ILE A 118 15.89 27.12 8.50
C ILE A 118 15.80 28.23 9.53
N ALA A 119 16.93 28.87 9.84
CA ALA A 119 16.98 29.90 10.86
C ALA A 119 16.42 31.20 10.31
N PHE A 120 15.54 31.84 11.08
CA PHE A 120 15.00 33.13 10.68
C PHE A 120 16.03 34.24 10.90
N LYS A 121 16.10 35.16 9.96
CA LYS A 121 16.84 36.40 10.13
C LYS A 121 16.28 37.44 9.18
N LEU A 122 16.33 38.71 9.60
CA LEU A 122 15.78 39.78 8.77
C LEU A 122 16.55 39.92 7.46
N ASN A 123 17.80 39.49 7.42
CA ASN A 123 18.62 39.62 6.23
C ASN A 123 18.25 38.63 5.13
N ASN A 124 17.52 37.57 5.45
CA ASN A 124 17.27 36.50 4.49
C ASN A 124 15.79 36.11 4.51
N GLN A 125 14.92 37.11 4.41
CA GLN A 125 13.49 36.86 4.33
C GLN A 125 13.17 35.94 3.15
N ILE A 126 12.26 34.99 3.38
CA ILE A 126 11.96 33.96 2.39
C ILE A 126 11.24 34.57 1.20
N ARG A 127 11.69 34.21 0.00
CA ARG A 127 11.05 34.67 -1.22
C ARG A 127 9.66 34.06 -1.37
N GLU A 128 8.74 34.83 -1.96
CA GLU A 128 7.33 34.43 -2.00
C GLU A 128 7.11 33.13 -2.76
N ASN A 129 8.03 32.77 -3.66
CA ASN A 129 8.02 31.46 -4.31
C ASN A 129 9.40 30.83 -4.16
N ALA A 130 9.98 30.95 -2.97
CA ALA A 130 11.31 30.42 -2.71
C ALA A 130 11.33 28.91 -2.93
N GLU A 131 12.41 28.45 -3.54
CA GLU A 131 12.50 27.06 -3.99
C GLU A 131 13.91 26.56 -3.70
N VAL A 132 13.99 25.36 -3.13
CA VAL A 132 15.28 24.72 -2.85
C VAL A 132 15.63 23.77 -3.99
N SER A 133 16.50 24.23 -4.90
CA SER A 133 16.97 23.41 -6.01
C SER A 133 18.13 22.53 -5.52
N MET A 134 17.77 21.42 -4.91
CA MET A 134 18.75 20.57 -4.25
C MET A 134 19.47 19.66 -5.24
N ASP A 135 20.78 19.51 -5.03
CA ASP A 135 21.59 18.54 -5.76
C ASP A 135 21.79 17.34 -4.84
N VAL A 136 21.22 16.20 -5.22
CA VAL A 136 21.15 15.03 -4.35
C VAL A 136 21.81 13.86 -5.06
N SER A 137 22.47 13.00 -4.28
CA SER A 137 23.08 11.79 -4.80
C SER A 137 22.93 10.69 -3.77
N LEU A 138 22.91 9.44 -4.23
CA LEU A 138 22.70 8.29 -3.36
C LEU A 138 23.66 7.19 -3.77
N ALA A 139 24.10 6.40 -2.79
CA ALA A 139 25.01 5.30 -3.03
C ALA A 139 24.63 4.12 -2.16
N TYR A 140 25.16 2.95 -2.52
CA TYR A 140 24.89 1.71 -1.79
C TYR A 140 26.15 0.86 -1.74
N ARG A 141 26.23 0.03 -0.70
CA ARG A 141 27.43 -0.77 -0.45
C ARG A 141 27.03 -2.03 0.31
N ASP A 142 27.87 -3.06 0.18
CA ASP A 142 27.61 -4.34 0.83
C ASP A 142 28.72 -4.80 1.76
N ASP A 143 29.97 -4.46 1.50
CA ASP A 143 31.09 -4.79 2.37
C ASP A 143 31.58 -3.52 3.06
N ALA A 144 31.94 -3.66 4.35
CA ALA A 144 32.31 -2.51 5.15
C ALA A 144 33.53 -1.78 4.62
N PHE A 145 34.32 -2.41 3.74
CA PHE A 145 35.47 -1.77 3.13
C PHE A 145 35.33 -1.59 1.62
N ALA A 146 34.13 -1.74 1.07
CA ALA A 146 33.94 -1.60 -0.36
C ALA A 146 33.83 -0.13 -0.76
N GLU A 147 33.78 0.11 -2.06
CA GLU A 147 33.57 1.45 -2.58
C GLU A 147 32.09 1.74 -2.76
N TRP A 148 31.72 2.99 -2.51
CA TRP A 148 30.33 3.42 -2.67
C TRP A 148 29.95 3.41 -4.15
N THR A 149 28.86 2.74 -4.47
CA THR A 149 28.38 2.60 -5.84
C THR A 149 27.13 3.45 -6.02
N GLU A 150 27.09 4.22 -7.11
CA GLU A 150 26.01 5.18 -7.31
C GLU A 150 24.70 4.49 -7.63
N MET A 151 23.62 4.95 -7.00
CA MET A 151 22.26 4.61 -7.39
C MET A 151 21.58 5.71 -8.19
N ALA A 152 21.70 6.95 -7.73
CA ALA A 152 21.01 8.07 -8.37
C ALA A 152 21.80 9.34 -8.13
N HIS A 153 21.72 10.25 -9.11
CA HIS A 153 22.43 11.52 -9.01
C HIS A 153 21.72 12.50 -9.94
N GLU A 154 20.83 13.31 -9.36
CA GLU A 154 19.94 14.13 -10.17
C GLU A 154 19.61 15.43 -9.43
N ARG A 155 19.06 16.38 -10.18
CA ARG A 155 18.51 17.58 -9.59
C ARG A 155 17.09 17.32 -9.12
N VAL A 156 16.75 17.82 -7.93
CA VAL A 156 15.40 17.66 -7.40
C VAL A 156 14.87 19.00 -6.91
N PRO A 157 13.94 19.62 -7.64
CA PRO A 157 13.33 20.85 -7.16
C PRO A 157 12.33 20.59 -6.04
N ARG A 158 12.04 21.64 -5.26
CA ARG A 158 11.03 21.55 -4.21
C ARG A 158 10.62 22.96 -3.78
N LYS A 159 9.33 23.25 -3.84
CA LYS A 159 8.80 24.53 -3.36
C LYS A 159 8.64 24.50 -1.85
N LEU A 160 9.03 25.59 -1.18
CA LEU A 160 8.78 25.71 0.24
C LEU A 160 7.37 26.24 0.48
N LYS A 161 6.60 25.48 1.26
CA LYS A 161 5.26 25.88 1.69
C LYS A 161 5.38 26.28 3.14
N CYS A 162 5.46 27.58 3.41
CA CYS A 162 6.26 27.92 4.58
C CYS A 162 5.82 29.23 5.20
N THR A 163 5.79 29.25 6.55
CA THR A 163 5.19 30.34 7.32
C THR A 163 5.65 30.36 8.78
N PHE A 164 6.26 31.46 9.20
CA PHE A 164 6.72 31.65 10.59
C PHE A 164 5.74 32.56 11.33
N THR A 165 5.23 32.08 12.47
CA THR A 165 4.19 32.82 13.18
C THR A 165 4.77 33.92 14.07
N SER A 166 5.87 33.65 14.76
CA SER A 166 6.39 34.60 15.73
C SER A 166 6.91 35.85 14.99
N PRO A 167 6.89 37.00 15.66
CA PRO A 167 7.23 38.26 14.97
C PRO A 167 8.66 38.29 14.46
N LYS A 168 8.92 39.26 13.60
CA LYS A 168 10.19 39.37 12.88
C LYS A 168 11.26 40.13 13.67
N THR A 169 10.99 40.51 14.91
CA THR A 169 11.94 41.30 15.69
C THR A 169 13.21 40.48 15.93
N PRO A 170 14.37 41.14 15.98
CA PRO A 170 15.63 40.39 16.02
C PRO A 170 15.92 39.65 17.32
N GLU A 171 15.16 39.89 18.39
CA GLU A 171 15.22 38.96 19.52
C GLU A 171 14.75 37.57 19.12
N HIS A 172 13.92 37.45 18.09
CA HIS A 172 13.38 36.17 17.65
C HIS A 172 14.21 35.52 16.55
N GLU A 173 15.27 36.17 16.09
CA GLU A 173 16.12 35.55 15.08
C GLU A 173 16.84 34.34 15.67
N GLY A 174 17.25 33.44 14.79
CA GLY A 174 17.76 32.15 15.19
C GLY A 174 16.72 31.08 15.42
N ARG A 175 15.52 31.45 15.83
CA ARG A 175 14.43 30.49 15.90
C ARG A 175 14.06 30.04 14.50
N TYR A 176 13.78 28.75 14.35
CA TYR A 176 13.59 28.16 13.04
C TYR A 176 12.23 28.50 12.46
N TYR A 177 12.16 28.54 11.14
CA TYR A 177 10.88 28.63 10.46
C TYR A 177 10.08 27.36 10.74
N GLU A 178 8.77 27.49 10.88
CA GLU A 178 7.97 26.39 11.38
C GLU A 178 7.56 25.50 10.22
N CYS A 179 8.26 25.67 9.10
CA CYS A 179 7.73 25.29 7.80
C CYS A 179 8.19 23.92 7.28
N ASP A 180 7.35 23.37 6.40
CA ASP A 180 6.89 21.98 6.47
C ASP A 180 7.92 20.95 6.04
N VAL A 181 7.56 19.70 6.31
CA VAL A 181 8.23 18.53 5.76
C VAL A 181 7.98 18.45 4.26
N LEU A 182 8.87 17.75 3.56
CA LEU A 182 8.81 17.65 2.11
C LEU A 182 8.92 16.19 1.69
N PRO A 183 8.03 15.70 0.82
CA PRO A 183 8.16 14.31 0.35
C PRO A 183 9.40 14.12 -0.52
N PHE A 184 10.35 13.34 -0.02
CA PHE A 184 11.68 13.29 -0.61
C PHE A 184 11.89 12.09 -1.52
N MET A 185 11.76 10.88 -1.01
CA MET A 185 12.24 9.72 -1.76
C MET A 185 11.41 8.49 -1.46
N GLU A 186 11.21 7.68 -2.49
CA GLU A 186 10.72 6.32 -2.38
C GLU A 186 11.75 5.39 -3.01
N ILE A 187 11.93 4.22 -2.41
CA ILE A 187 12.76 3.16 -2.98
C ILE A 187 11.88 1.93 -3.12
N GLY A 188 11.94 1.30 -4.30
CA GLY A 188 11.08 0.16 -4.55
C GLY A 188 11.35 -1.01 -3.61
N SER A 189 12.62 -1.34 -3.41
CA SER A 189 12.96 -2.50 -2.59
C SER A 189 14.34 -2.31 -1.98
N VAL A 190 14.59 -3.07 -0.91
CA VAL A 190 15.84 -3.00 -0.15
C VAL A 190 16.69 -4.21 -0.50
N ALA A 191 17.97 -3.97 -0.78
CA ALA A 191 18.86 -5.05 -1.19
C ALA A 191 20.24 -5.03 -0.56
N HIS A 192 20.63 -3.97 0.15
CA HIS A 192 22.01 -3.82 0.57
C HIS A 192 22.10 -3.39 2.02
N LYS A 193 23.25 -3.68 2.64
CA LYS A 193 23.44 -3.39 4.06
C LYS A 193 23.50 -1.90 4.33
N PHE A 194 24.23 -1.14 3.49
CA PHE A 194 24.51 0.25 3.79
C PHE A 194 24.11 1.13 2.62
N TYR A 195 23.51 2.28 2.92
CA TYR A 195 23.18 3.29 1.94
C TYR A 195 23.74 4.63 2.38
N LEU A 196 24.24 5.42 1.43
CA LEU A 196 24.79 6.73 1.70
C LEU A 196 24.07 7.77 0.86
N LEU A 197 23.76 8.91 1.47
CA LEU A 197 23.03 9.98 0.80
C LEU A 197 23.76 11.30 1.04
N ASN A 198 24.07 12.00 -0.05
CA ASN A 198 24.80 13.27 0.02
C ASN A 198 24.00 14.33 -0.72
N ILE A 199 23.82 15.49 -0.09
CA ILE A 199 23.05 16.58 -0.66
C ILE A 199 23.89 17.85 -0.67
N ARG A 200 23.90 18.53 -1.81
CA ARG A 200 24.50 19.85 -1.95
C ARG A 200 23.43 20.83 -2.42
N LEU A 201 23.60 22.10 -2.06
CA LEU A 201 22.69 23.16 -2.46
C LEU A 201 23.49 24.26 -3.14
N PRO A 202 23.90 24.06 -4.38
CA PRO A 202 24.64 25.10 -5.11
C PRO A 202 23.80 26.35 -5.30
N VAL A 203 24.46 27.50 -5.21
CA VAL A 203 23.81 28.80 -5.34
C VAL A 203 24.31 29.47 -6.61
N ASN A 204 23.40 30.03 -7.40
CA ASN A 204 23.76 30.75 -8.61
C ASN A 204 22.70 31.80 -8.90
N GLU A 205 23.08 33.07 -8.81
CA GLU A 205 22.17 34.16 -9.11
C GLU A 205 21.88 34.28 -10.61
N LYS A 206 22.64 33.60 -11.46
CA LYS A 206 22.34 33.62 -12.89
C LYS A 206 21.20 32.67 -13.22
N LYS A 207 21.31 31.42 -12.78
CA LYS A 207 20.27 30.43 -13.02
C LYS A 207 19.21 30.42 -11.93
N LYS A 208 19.31 31.33 -10.95
CA LYS A 208 18.26 31.56 -9.95
C LYS A 208 17.98 30.30 -9.14
N ILE A 209 19.04 29.65 -8.65
CA ILE A 209 18.92 28.38 -7.94
C ILE A 209 19.35 28.58 -6.49
N ASN A 210 18.52 28.08 -5.56
CA ASN A 210 18.79 28.16 -4.12
C ASN A 210 19.01 29.59 -3.67
N VAL A 211 18.20 30.50 -4.19
CA VAL A 211 18.31 31.92 -3.90
C VAL A 211 17.10 32.36 -3.07
N GLY A 212 17.35 33.18 -2.05
CA GLY A 212 16.27 33.68 -1.22
C GLY A 212 15.57 32.64 -0.40
N ILE A 213 16.22 31.51 -0.14
CA ILE A 213 15.59 30.39 0.57
C ILE A 213 15.84 30.48 2.07
N GLY A 214 16.39 31.57 2.55
CA GLY A 214 16.78 31.67 3.95
C GLY A 214 18.07 30.92 4.21
N GLU A 215 18.52 31.01 5.46
CA GLU A 215 19.74 30.31 5.88
C GLU A 215 19.34 28.91 6.34
N ILE A 216 19.66 27.91 5.53
CA ILE A 216 19.39 26.53 5.88
C ILE A 216 20.41 26.09 6.94
N LYS A 217 19.95 25.97 8.18
CA LYS A 217 20.85 25.61 9.26
C LYS A 217 21.24 24.14 9.18
N ASP A 218 20.25 23.25 9.22
CA ASP A 218 20.48 21.82 9.18
C ASP A 218 19.31 21.18 8.45
N ILE A 219 19.52 19.96 7.98
CA ILE A 219 18.46 19.17 7.38
C ILE A 219 18.34 17.88 8.16
N ARG A 220 17.10 17.39 8.29
CA ARG A 220 16.83 16.17 9.03
C ARG A 220 15.99 15.24 8.18
N LEU A 221 16.36 13.97 8.16
CA LEU A 221 15.73 12.96 7.33
C LEU A 221 14.93 12.02 8.21
N VAL A 222 13.66 11.83 7.89
CA VAL A 222 12.76 10.94 8.62
C VAL A 222 12.42 9.78 7.70
N GLY A 223 12.67 8.56 8.17
CA GLY A 223 12.53 7.37 7.36
C GLY A 223 11.43 6.46 7.89
N ILE A 224 10.76 5.78 6.96
CA ILE A 224 9.73 4.81 7.27
C ILE A 224 9.95 3.57 6.41
N HIS A 225 9.93 2.40 7.03
CA HIS A 225 10.08 1.15 6.32
C HIS A 225 9.28 0.08 7.04
N GLN A 226 8.96 -0.99 6.31
CA GLN A 226 8.09 -2.03 6.85
C GLN A 226 8.82 -2.82 7.93
N ASN A 227 8.08 -3.16 8.98
CA ASN A 227 8.66 -3.85 10.12
C ASN A 227 9.17 -5.23 9.71
N GLY A 228 10.31 -5.61 10.29
CA GLY A 228 10.82 -6.95 10.06
C GLY A 228 9.87 -8.04 10.54
N GLY A 229 9.14 -7.76 11.62
CA GLY A 229 8.15 -8.70 12.11
C GLY A 229 6.97 -8.86 11.17
N PHE A 230 6.39 -7.73 10.74
CA PHE A 230 5.16 -7.81 9.95
C PHE A 230 5.40 -8.47 8.59
N THR A 231 6.53 -8.17 7.95
CA THR A 231 6.77 -8.71 6.62
C THR A 231 6.88 -10.23 6.65
N LYS A 232 7.59 -10.77 7.66
CA LYS A 232 7.74 -12.22 7.75
C LYS A 232 6.40 -12.90 7.98
N VAL A 233 5.59 -12.36 8.89
CA VAL A 233 4.31 -12.99 9.19
C VAL A 233 3.36 -12.87 8.00
N TRP A 234 3.42 -11.75 7.27
CA TRP A 234 2.58 -11.59 6.09
C TRP A 234 2.94 -12.62 5.02
N PHE A 235 4.24 -12.77 4.74
CA PHE A 235 4.69 -13.76 3.77
C PHE A 235 4.31 -15.17 4.21
N ALA A 236 4.48 -15.47 5.51
CA ALA A 236 4.14 -16.78 6.03
C ALA A 236 2.66 -17.07 5.91
N MET A 237 1.81 -16.08 6.19
CA MET A 237 0.38 -16.29 6.06
C MET A 237 -0.02 -16.55 4.62
N LYS A 238 0.58 -15.82 3.67
CA LYS A 238 0.22 -16.09 2.27
C LYS A 238 0.68 -17.48 1.84
N THR A 239 1.90 -17.88 2.21
CA THR A 239 2.35 -19.21 1.82
C THR A 239 1.59 -20.30 2.56
N PHE A 240 1.00 -19.96 3.70
CA PHE A 240 0.09 -20.89 4.38
C PHE A 240 -1.22 -21.03 3.63
N LEU A 241 -1.81 -19.91 3.22
CA LEU A 241 -3.14 -19.92 2.63
C LEU A 241 -3.17 -20.46 1.22
N THR A 242 -2.07 -20.34 0.46
CA THR A 242 -2.11 -20.78 -0.94
C THR A 242 -2.45 -22.26 -1.09
N PRO A 243 -1.74 -23.19 -0.45
CA PRO A 243 -2.11 -24.60 -0.62
C PRO A 243 -3.52 -24.94 -0.13
N SER A 244 -3.97 -24.30 0.95
CA SER A 244 -5.30 -24.58 1.48
C SER A 244 -6.38 -24.22 0.47
N ILE A 245 -6.27 -23.02 -0.11
CA ILE A 245 -7.25 -22.60 -1.10
C ILE A 245 -7.17 -23.49 -2.33
N PHE A 246 -5.96 -23.90 -2.73
CA PHE A 246 -5.88 -24.81 -3.87
C PHE A 246 -6.54 -26.16 -3.57
N ILE A 247 -6.39 -26.66 -2.34
CA ILE A 247 -7.02 -27.92 -1.97
C ILE A 247 -8.54 -27.80 -2.05
N ILE A 248 -9.08 -26.72 -1.48
CA ILE A 248 -10.54 -26.57 -1.53
C ILE A 248 -11.01 -26.37 -2.96
N MET A 249 -10.20 -25.69 -3.80
CA MET A 249 -10.62 -25.48 -5.17
C MET A 249 -10.63 -26.78 -5.97
N VAL A 250 -9.64 -27.64 -5.76
CA VAL A 250 -9.65 -28.91 -6.49
C VAL A 250 -10.79 -29.80 -6.01
N TRP A 251 -11.07 -29.78 -4.70
CA TRP A 251 -12.24 -30.50 -4.21
C TRP A 251 -13.51 -30.01 -4.91
N TYR A 252 -13.70 -28.69 -4.92
CA TYR A 252 -14.88 -28.10 -5.55
C TYR A 252 -14.98 -28.49 -7.02
N TRP A 253 -13.91 -28.28 -7.78
CA TRP A 253 -14.01 -28.49 -9.23
C TRP A 253 -14.16 -29.96 -9.57
N ARG A 254 -13.48 -30.86 -8.85
CA ARG A 254 -13.69 -32.28 -9.09
C ARG A 254 -15.13 -32.67 -8.82
N ARG A 255 -15.69 -32.18 -7.70
CA ARG A 255 -17.07 -32.52 -7.39
C ARG A 255 -18.03 -31.99 -8.45
N ILE A 256 -17.79 -30.76 -8.92
CA ILE A 256 -18.64 -30.18 -9.96
C ILE A 256 -18.55 -30.99 -11.24
N THR A 257 -17.32 -31.35 -11.63
CA THR A 257 -17.12 -32.13 -12.84
C THR A 257 -17.65 -33.55 -12.72
N MET A 258 -17.91 -34.02 -11.50
CA MET A 258 -18.57 -35.31 -11.34
C MET A 258 -20.04 -35.27 -11.75
N MET A 259 -20.63 -34.07 -11.82
CA MET A 259 -22.07 -33.96 -12.06
C MET A 259 -22.44 -34.39 -13.48
N SER A 260 -23.68 -34.86 -13.60
CA SER A 260 -24.18 -35.31 -14.89
C SER A 260 -24.54 -34.15 -15.82
N ARG A 261 -24.94 -33.01 -15.25
CA ARG A 261 -25.43 -31.89 -16.03
C ARG A 261 -24.42 -30.75 -16.07
N PRO A 262 -24.43 -29.95 -17.14
CA PRO A 262 -23.47 -28.86 -17.24
C PRO A 262 -23.74 -27.80 -16.21
N PRO A 263 -22.74 -26.98 -15.87
CA PRO A 263 -22.93 -25.97 -14.85
C PRO A 263 -23.39 -24.59 -15.32
N VAL A 264 -24.18 -23.96 -14.46
CA VAL A 264 -24.79 -22.66 -14.74
C VAL A 264 -23.77 -21.55 -14.51
N LEU A 265 -24.12 -20.33 -14.90
CA LEU A 265 -23.22 -19.18 -14.78
C LEU A 265 -22.65 -19.07 -13.37
N LEU A 266 -23.46 -19.37 -12.35
CA LEU A 266 -23.05 -19.14 -10.97
C LEU A 266 -21.87 -20.02 -10.57
N GLU A 267 -21.94 -21.32 -10.85
CA GLU A 267 -20.83 -22.19 -10.46
C GLU A 267 -19.57 -21.90 -11.27
N LYS A 268 -19.69 -21.18 -12.39
CA LYS A 268 -18.50 -20.77 -13.13
C LYS A 268 -17.90 -19.51 -12.53
N VAL A 269 -18.76 -18.54 -12.17
CA VAL A 269 -18.24 -17.29 -11.63
C VAL A 269 -17.60 -17.52 -10.26
N ILE A 270 -18.12 -18.47 -9.47
CA ILE A 270 -17.48 -18.74 -8.19
C ILE A 270 -16.10 -19.33 -8.39
N PHE A 271 -15.96 -20.22 -9.38
CA PHE A 271 -14.65 -20.78 -9.69
C PHE A 271 -13.69 -19.69 -10.17
N ALA A 272 -14.19 -18.75 -10.96
CA ALA A 272 -13.35 -17.62 -11.37
C ALA A 272 -12.87 -16.83 -10.16
N LEU A 273 -13.77 -16.60 -9.19
CA LEU A 273 -13.38 -15.95 -7.95
C LEU A 273 -12.26 -16.73 -7.26
N GLY A 274 -12.42 -18.05 -7.16
CA GLY A 274 -11.42 -18.86 -6.50
C GLY A 274 -10.07 -18.80 -7.17
N ILE A 275 -10.05 -18.88 -8.51
CA ILE A 275 -8.77 -18.89 -9.21
C ILE A 275 -8.10 -17.52 -9.12
N SER A 276 -8.86 -16.43 -9.16
CA SER A 276 -8.25 -15.11 -8.95
C SER A 276 -7.72 -14.96 -7.53
N MET A 277 -8.44 -15.52 -6.56
CA MET A 277 -8.01 -15.42 -5.17
C MET A 277 -6.70 -16.18 -4.95
N THR A 278 -6.56 -17.33 -5.61
CA THR A 278 -5.26 -18.01 -5.60
C THR A 278 -4.21 -17.18 -6.33
N PHE A 279 -4.59 -16.54 -7.44
CA PHE A 279 -3.64 -15.72 -8.19
C PHE A 279 -3.04 -14.63 -7.32
N ILE A 280 -3.85 -14.02 -6.45
CA ILE A 280 -3.26 -13.07 -5.51
C ILE A 280 -2.55 -13.80 -4.38
N ASN A 281 -3.02 -15.00 -4.02
CA ASN A 281 -2.50 -15.67 -2.83
C ASN A 281 -1.08 -16.17 -2.99
N ILE A 282 -0.69 -16.55 -4.21
CA ILE A 282 0.59 -17.24 -4.40
C ILE A 282 1.75 -16.41 -3.89
N PRO A 283 2.66 -17.00 -3.10
CA PRO A 283 3.77 -16.25 -2.50
C PRO A 283 4.90 -15.96 -3.49
N VAL A 284 4.58 -15.22 -4.55
CA VAL A 284 5.59 -14.79 -5.50
C VAL A 284 6.59 -13.84 -4.84
N GLU A 285 6.13 -13.06 -3.87
CA GLU A 285 6.97 -12.05 -3.24
C GLU A 285 8.11 -12.66 -2.42
N TRP A 286 8.09 -13.97 -2.19
CA TRP A 286 9.20 -14.58 -1.47
C TRP A 286 10.51 -14.46 -2.24
N PHE A 287 10.43 -14.13 -3.53
CA PHE A 287 11.65 -13.89 -4.31
C PHE A 287 12.46 -12.74 -3.74
N SER A 288 11.80 -11.72 -3.18
CA SER A 288 12.47 -10.48 -2.82
C SER A 288 13.58 -10.70 -1.80
N ILE A 289 13.48 -11.73 -0.97
CA ILE A 289 14.52 -11.96 0.03
C ILE A 289 15.74 -12.63 -0.59
N GLY A 290 15.53 -13.54 -1.55
CA GLY A 290 16.63 -14.29 -2.13
C GLY A 290 17.21 -13.70 -3.39
N PHE A 291 16.54 -12.72 -4.00
CA PHE A 291 16.95 -12.17 -5.27
C PHE A 291 16.77 -10.66 -5.28
N ASP A 292 17.43 -10.01 -6.24
CA ASP A 292 17.48 -8.55 -6.34
C ASP A 292 16.30 -7.96 -7.10
N TRP A 293 15.27 -8.74 -7.41
CA TRP A 293 14.17 -8.24 -8.22
C TRP A 293 13.52 -7.02 -7.57
N THR A 294 13.20 -6.03 -8.40
CA THR A 294 12.77 -4.72 -7.94
C THR A 294 11.34 -4.37 -8.32
N TRP A 295 10.89 -4.77 -9.52
CA TRP A 295 9.56 -4.41 -9.97
C TRP A 295 8.45 -5.12 -9.22
N MET A 296 8.79 -6.05 -8.33
CA MET A 296 7.77 -6.85 -7.65
C MET A 296 6.83 -5.98 -6.82
N LEU A 297 7.28 -4.81 -6.36
CA LEU A 297 6.41 -3.98 -5.54
C LEU A 297 5.25 -3.44 -6.35
N LEU A 298 5.47 -3.13 -7.64
CA LEU A 298 4.38 -2.73 -8.51
C LEU A 298 3.48 -3.92 -8.84
N PHE A 299 4.06 -5.11 -8.96
CA PHE A 299 3.27 -6.29 -9.29
C PHE A 299 2.26 -6.61 -8.19
N GLY A 300 2.60 -6.31 -6.93
CA GLY A 300 1.63 -6.49 -5.86
C GLY A 300 0.41 -5.60 -6.04
N ASP A 301 0.63 -4.36 -6.43
CA ASP A 301 -0.49 -3.46 -6.70
C ASP A 301 -1.28 -3.91 -7.92
N ILE A 302 -0.61 -4.44 -8.94
CA ILE A 302 -1.31 -5.03 -10.08
C ILE A 302 -2.21 -6.17 -9.61
N ARG A 303 -1.68 -7.05 -8.77
CA ARG A 303 -2.44 -8.19 -8.29
C ARG A 303 -3.64 -7.73 -7.46
N GLN A 304 -3.45 -6.74 -6.59
CA GLN A 304 -4.57 -6.24 -5.81
C GLN A 304 -5.63 -5.61 -6.71
N GLY A 305 -5.21 -4.87 -7.73
CA GLY A 305 -6.19 -4.31 -8.66
C GLY A 305 -6.99 -5.37 -9.39
N ILE A 306 -6.32 -6.43 -9.85
CA ILE A 306 -7.03 -7.48 -10.56
C ILE A 306 -7.95 -8.25 -9.62
N PHE A 307 -7.50 -8.50 -8.39
CA PHE A 307 -8.35 -9.18 -7.41
C PHE A 307 -9.59 -8.35 -7.10
N TYR A 308 -9.41 -7.03 -6.96
CA TYR A 308 -10.57 -6.16 -6.75
C TYR A 308 -11.50 -6.20 -7.94
N ALA A 309 -10.94 -6.23 -9.15
CA ALA A 309 -11.78 -6.30 -10.35
C ALA A 309 -12.61 -7.57 -10.36
N MET A 310 -12.02 -8.68 -9.91
CA MET A 310 -12.79 -9.92 -9.81
C MET A 310 -13.88 -9.77 -8.75
N LEU A 311 -13.52 -9.30 -7.56
CA LEU A 311 -14.42 -9.37 -6.42
C LEU A 311 -15.61 -8.43 -6.55
N LEU A 312 -15.36 -7.18 -6.97
CA LEU A 312 -16.45 -6.23 -7.05
C LEU A 312 -17.46 -6.60 -8.13
N SER A 313 -17.01 -7.25 -9.20
CA SER A 313 -17.96 -7.80 -10.16
C SER A 313 -18.66 -9.03 -9.59
N PHE A 314 -17.93 -9.83 -8.82
CA PHE A 314 -18.50 -11.06 -8.27
C PHE A 314 -19.67 -10.78 -7.36
N TRP A 315 -19.56 -9.76 -6.51
CA TRP A 315 -20.67 -9.49 -5.61
C TRP A 315 -21.94 -9.15 -6.37
N ILE A 316 -21.83 -8.36 -7.44
CA ILE A 316 -23.00 -7.99 -8.21
C ILE A 316 -23.55 -9.20 -8.96
N ILE A 317 -22.67 -10.02 -9.53
CA ILE A 317 -23.13 -11.18 -10.30
C ILE A 317 -23.79 -12.21 -9.38
N PHE A 318 -23.18 -12.47 -8.22
CA PHE A 318 -23.76 -13.42 -7.27
C PHE A 318 -25.09 -12.91 -6.75
N CYS A 319 -25.13 -11.67 -6.27
CA CYS A 319 -26.39 -11.11 -5.82
C CYS A 319 -27.39 -11.02 -6.96
N GLY A 320 -26.93 -10.60 -8.14
CA GLY A 320 -27.82 -10.49 -9.28
C GLY A 320 -28.42 -11.82 -9.69
N GLU A 321 -27.65 -12.89 -9.58
CA GLU A 321 -28.16 -14.20 -9.97
C GLU A 321 -29.20 -14.73 -9.01
N HIS A 322 -29.31 -14.18 -7.81
CA HIS A 322 -30.40 -14.57 -6.92
C HIS A 322 -31.72 -13.93 -7.30
N MET A 323 -31.72 -13.00 -8.25
CA MET A 323 -32.97 -12.58 -8.86
C MET A 323 -33.52 -13.74 -9.69
N MET A 324 -34.82 -13.96 -9.60
CA MET A 324 -35.34 -15.19 -10.20
C MET A 324 -36.40 -14.96 -11.25
N ASP A 325 -37.20 -13.90 -11.14
CA ASP A 325 -38.28 -13.67 -12.10
C ASP A 325 -37.74 -13.25 -13.46
N GLN A 326 -37.87 -14.12 -14.45
CA GLN A 326 -37.48 -13.86 -15.83
C GLN A 326 -35.97 -13.61 -15.94
N HIS A 327 -35.23 -14.02 -14.92
CA HIS A 327 -33.77 -13.95 -14.85
C HIS A 327 -33.16 -15.27 -15.32
N GLU A 328 -31.91 -15.52 -14.93
CA GLU A 328 -31.12 -16.68 -15.34
C GLU A 328 -30.78 -16.67 -16.83
N ARG A 329 -29.96 -15.70 -17.24
CA ARG A 329 -29.39 -15.64 -18.57
C ARG A 329 -28.32 -16.71 -18.75
N ASN A 330 -27.90 -16.89 -20.01
CA ASN A 330 -26.91 -17.91 -20.32
C ASN A 330 -25.49 -17.36 -20.41
N HIS A 331 -25.32 -16.05 -20.54
CA HIS A 331 -24.02 -15.48 -20.85
C HIS A 331 -23.97 -14.04 -20.35
N ILE A 332 -22.76 -13.49 -20.29
CA ILE A 332 -22.55 -12.17 -19.70
C ILE A 332 -23.26 -11.06 -20.47
N ALA A 333 -23.72 -11.36 -21.70
CA ALA A 333 -24.49 -10.38 -22.46
C ALA A 333 -25.72 -9.91 -21.70
N GLY A 334 -26.25 -10.75 -20.81
CA GLY A 334 -27.35 -10.33 -19.95
C GLY A 334 -26.94 -9.56 -18.71
N TYR A 335 -25.64 -9.42 -18.45
CA TYR A 335 -25.19 -8.69 -17.27
C TYR A 335 -24.01 -7.78 -17.56
N TRP A 336 -23.57 -7.73 -18.82
CA TRP A 336 -22.54 -6.77 -19.19
C TRP A 336 -23.03 -5.34 -18.98
N LYS A 337 -24.36 -5.16 -18.97
CA LYS A 337 -24.98 -3.87 -18.69
C LYS A 337 -24.49 -3.32 -17.35
N GLN A 338 -24.38 -4.17 -16.33
CA GLN A 338 -23.91 -3.74 -15.03
C GLN A 338 -22.42 -3.94 -14.86
N VAL A 339 -21.91 -5.11 -15.24
CA VAL A 339 -20.52 -5.48 -14.94
C VAL A 339 -19.54 -4.61 -15.70
N GLY A 340 -19.88 -4.22 -16.93
CA GLY A 340 -18.95 -3.61 -17.85
C GLY A 340 -18.01 -2.56 -17.26
N PRO A 341 -18.56 -1.43 -16.81
CA PRO A 341 -17.69 -0.40 -16.22
C PRO A 341 -17.16 -0.75 -14.85
N ILE A 342 -17.78 -1.71 -14.16
CA ILE A 342 -17.33 -2.06 -12.81
C ILE A 342 -15.92 -2.62 -12.85
N ALA A 343 -15.64 -3.51 -13.81
CA ALA A 343 -14.29 -4.03 -13.96
C ALA A 343 -13.30 -2.92 -14.31
N VAL A 344 -13.69 -2.03 -15.21
CA VAL A 344 -12.83 -0.90 -15.58
C VAL A 344 -12.64 0.02 -14.39
N GLY A 345 -13.71 0.28 -13.64
CA GLY A 345 -13.59 1.12 -12.46
C GLY A 345 -12.67 0.53 -11.42
N SER A 346 -12.76 -0.79 -11.21
CA SER A 346 -11.95 -1.44 -10.18
C SER A 346 -10.47 -1.33 -10.50
N PHE A 347 -10.10 -1.45 -11.77
CA PHE A 347 -8.72 -1.19 -12.17
C PHE A 347 -8.36 0.27 -11.93
N CYS A 348 -9.32 1.18 -12.09
CA CYS A 348 -9.03 2.60 -12.01
C CYS A 348 -8.70 3.06 -10.60
N LEU A 349 -9.11 2.29 -9.59
CA LEU A 349 -8.81 2.68 -8.21
C LEU A 349 -7.30 2.77 -7.96
N PHE A 350 -6.54 1.81 -8.48
CA PHE A 350 -5.11 1.74 -8.20
C PHE A 350 -4.24 2.35 -9.28
N ILE A 351 -4.82 2.90 -10.35
CA ILE A 351 -4.01 3.32 -11.49
C ILE A 351 -2.99 4.39 -11.08
N PHE A 352 -3.40 5.35 -10.25
CA PHE A 352 -2.48 6.42 -9.88
C PHE A 352 -1.35 5.91 -9.00
N ASP A 353 -1.66 5.08 -8.00
CA ASP A 353 -0.60 4.52 -7.17
C ASP A 353 0.32 3.63 -7.99
N MET A 354 -0.24 2.85 -8.92
CA MET A 354 0.57 1.99 -9.77
C MET A 354 1.48 2.80 -10.67
N CYS A 355 0.98 3.92 -11.22
CA CYS A 355 1.82 4.76 -12.06
C CYS A 355 2.92 5.42 -11.25
N GLU A 356 2.62 5.82 -10.01
CA GLU A 356 3.65 6.34 -9.13
C GLU A 356 4.74 5.30 -8.89
N ARG A 357 4.34 4.06 -8.59
CA ARG A 357 5.32 2.99 -8.41
C ARG A 357 6.16 2.76 -9.65
N GLY A 358 5.54 2.84 -10.83
CA GLY A 358 6.27 2.68 -12.06
C GLY A 358 7.30 3.77 -12.28
N VAL A 359 6.86 5.03 -12.16
CA VAL A 359 7.74 6.14 -12.45
C VAL A 359 8.79 6.35 -11.37
N GLN A 360 8.62 5.77 -10.19
CA GLN A 360 9.66 5.92 -9.19
C GLN A 360 10.87 5.01 -9.45
N LEU A 361 10.77 4.08 -10.39
CA LEU A 361 11.92 3.27 -10.77
C LEU A 361 12.88 4.02 -11.68
N THR A 362 12.40 5.03 -12.41
CA THR A 362 13.27 5.89 -13.20
C THR A 362 13.65 7.16 -12.45
N ASN A 363 12.86 7.56 -11.47
CA ASN A 363 13.17 8.73 -10.64
C ASN A 363 12.63 8.45 -9.25
N PRO A 364 13.46 7.97 -8.33
CA PRO A 364 12.98 7.71 -6.96
C PRO A 364 12.46 8.94 -6.26
N PHE A 365 12.89 10.13 -6.68
CA PHE A 365 12.46 11.36 -6.06
C PHE A 365 11.17 11.90 -6.65
N TYR A 366 10.68 11.30 -7.73
CA TYR A 366 9.41 11.71 -8.31
C TYR A 366 8.27 11.39 -7.34
N SER A 367 7.27 12.27 -7.30
CA SER A 367 6.10 12.05 -6.47
C SER A 367 4.93 12.80 -7.05
N ILE A 368 3.72 12.34 -6.75
CA ILE A 368 2.53 13.06 -7.15
C ILE A 368 2.41 14.34 -6.33
N TRP A 369 2.93 14.35 -5.11
CA TRP A 369 2.78 15.47 -4.19
C TRP A 369 3.74 16.61 -4.46
N THR A 370 4.48 16.58 -5.57
CA THR A 370 5.13 17.77 -6.09
C THR A 370 4.29 18.27 -7.26
N THR A 371 4.61 19.48 -7.73
CA THR A 371 3.76 20.13 -8.73
C THR A 371 2.35 20.28 -8.15
N ASP A 372 2.21 21.17 -7.16
CA ASP A 372 1.07 21.22 -6.23
C ASP A 372 -0.28 20.96 -6.87
N ILE A 373 -0.45 21.28 -8.16
CA ILE A 373 -1.64 20.83 -8.86
C ILE A 373 -1.74 19.31 -8.78
N GLY A 374 -0.59 18.62 -8.75
CA GLY A 374 -0.59 17.20 -8.51
C GLY A 374 -1.18 16.82 -7.16
N THR A 375 -0.83 17.57 -6.12
CA THR A 375 -1.37 17.27 -4.79
C THR A 375 -2.87 17.50 -4.74
N GLU A 376 -3.34 18.62 -5.27
CA GLU A 376 -4.77 18.88 -5.22
C GLU A 376 -5.55 17.87 -6.08
N LEU A 377 -4.99 17.47 -7.22
CA LEU A 377 -5.68 16.46 -8.03
C LEU A 377 -5.62 15.09 -7.37
N ALA A 378 -4.56 14.79 -6.61
CA ALA A 378 -4.52 13.54 -5.87
C ALA A 378 -5.59 13.52 -4.79
N MET A 379 -5.77 14.64 -4.09
CA MET A 379 -6.85 14.74 -3.12
C MET A 379 -8.20 14.56 -3.81
N ALA A 380 -8.37 15.19 -4.97
CA ALA A 380 -9.61 15.03 -5.72
C ALA A 380 -9.82 13.57 -6.10
N PHE A 381 -8.76 12.89 -6.51
CA PHE A 381 -8.86 11.47 -6.87
C PHE A 381 -9.28 10.63 -5.67
N ILE A 382 -8.69 10.89 -4.50
CA ILE A 382 -9.08 10.17 -3.30
C ILE A 382 -10.57 10.38 -3.04
N ILE A 383 -11.03 11.62 -3.17
CA ILE A 383 -12.42 11.91 -2.87
C ILE A 383 -13.36 11.21 -3.86
N VAL A 384 -13.03 11.26 -5.16
CA VAL A 384 -13.93 10.66 -6.15
C VAL A 384 -13.93 9.15 -6.00
N ALA A 385 -12.77 8.56 -5.74
CA ALA A 385 -12.71 7.12 -5.51
C ALA A 385 -13.55 6.72 -4.31
N GLY A 386 -13.45 7.48 -3.22
CA GLY A 386 -14.28 7.21 -2.07
C GLY A 386 -15.76 7.30 -2.37
N ILE A 387 -16.16 8.38 -3.03
CA ILE A 387 -17.59 8.58 -3.29
C ILE A 387 -18.11 7.51 -4.24
N CYS A 388 -17.32 7.14 -5.24
CA CYS A 388 -17.77 6.12 -6.20
C CYS A 388 -17.86 4.76 -5.54
N LEU A 389 -16.91 4.42 -4.67
CA LEU A 389 -16.96 3.13 -4.00
C LEU A 389 -18.11 3.08 -3.01
N CYS A 390 -18.39 4.18 -2.32
CA CYS A 390 -19.54 4.21 -1.43
C CYS A 390 -20.84 4.13 -2.21
N LEU A 391 -20.90 4.76 -3.39
CA LEU A 391 -22.09 4.62 -4.23
C LEU A 391 -22.24 3.17 -4.72
N TYR A 392 -21.13 2.50 -5.01
CA TYR A 392 -21.22 1.09 -5.38
C TYR A 392 -21.74 0.26 -4.20
N PHE A 393 -21.28 0.58 -3.00
CA PHE A 393 -21.78 -0.13 -1.82
C PHE A 393 -23.29 0.11 -1.66
N LEU A 394 -23.73 1.35 -1.91
CA LEU A 394 -25.16 1.64 -1.86
C LEU A 394 -25.92 0.86 -2.93
N PHE A 395 -25.35 0.74 -4.12
CA PHE A 395 -26.00 0.00 -5.19
C PHE A 395 -26.12 -1.49 -4.84
N LEU A 396 -25.07 -2.05 -4.24
CA LEU A 396 -25.15 -3.43 -3.78
C LEU A 396 -26.20 -3.59 -2.69
N CYS A 397 -26.28 -2.62 -1.77
CA CYS A 397 -27.30 -2.67 -0.74
C CYS A 397 -28.70 -2.62 -1.34
N PHE A 398 -28.88 -1.79 -2.36
CA PHE A 398 -30.16 -1.76 -3.07
C PHE A 398 -30.47 -3.09 -3.72
N MET A 399 -29.44 -3.73 -4.30
CA MET A 399 -29.65 -5.04 -4.90
C MET A 399 -30.09 -6.07 -3.87
N VAL A 400 -29.47 -6.04 -2.69
CA VAL A 400 -29.86 -6.96 -1.62
C VAL A 400 -31.28 -6.68 -1.16
N PHE A 401 -31.61 -5.39 -1.02
CA PHE A 401 -32.97 -4.99 -0.68
C PHE A 401 -33.98 -5.55 -1.67
N GLN A 402 -33.67 -5.45 -2.97
CA GLN A 402 -34.59 -5.93 -3.99
C GLN A 402 -34.68 -7.46 -3.96
N VAL A 403 -33.56 -8.13 -3.70
CA VAL A 403 -33.59 -9.59 -3.61
C VAL A 403 -34.46 -10.05 -2.44
N PHE A 404 -34.32 -9.36 -1.30
CA PHE A 404 -35.17 -9.67 -0.15
C PHE A 404 -36.63 -9.45 -0.49
N ARG A 405 -36.94 -8.34 -1.16
CA ARG A 405 -38.29 -8.10 -1.63
C ARG A 405 -38.78 -9.25 -2.48
N ASN A 406 -37.96 -9.71 -3.42
CA ASN A 406 -38.39 -10.71 -4.38
C ASN A 406 -38.69 -12.05 -3.71
N ILE A 407 -37.77 -12.55 -2.89
CA ILE A 407 -37.96 -13.93 -2.39
C ILE A 407 -39.14 -14.06 -1.44
N SER A 408 -39.75 -12.95 -1.03
CA SER A 408 -40.99 -13.06 -0.28
C SER A 408 -42.06 -13.78 -1.09
N GLY A 409 -42.02 -13.65 -2.42
CA GLY A 409 -43.03 -14.29 -3.25
C GLY A 409 -42.97 -15.81 -3.19
N LYS A 410 -41.76 -16.37 -3.27
CA LYS A 410 -41.63 -17.82 -3.29
C LYS A 410 -42.16 -18.46 -2.01
N GLN A 411 -41.88 -17.83 -0.86
CA GLN A 411 -42.39 -18.37 0.40
C GLN A 411 -43.88 -18.13 0.52
N SER A 412 -44.35 -16.93 0.17
CA SER A 412 -45.75 -16.60 0.37
C SER A 412 -46.67 -17.30 -0.63
N SER A 413 -46.20 -17.55 -1.84
CA SER A 413 -47.02 -18.20 -2.86
C SER A 413 -47.29 -19.66 -2.49
N LYS A 419 -43.46 -32.97 6.20
CA LYS A 419 -42.87 -31.83 6.88
C LYS A 419 -41.53 -31.49 6.25
N VAL A 420 -41.15 -32.30 5.26
CA VAL A 420 -39.87 -32.09 4.58
C VAL A 420 -39.85 -30.75 3.85
N ARG A 421 -40.97 -30.36 3.24
CA ARG A 421 -41.02 -29.06 2.59
C ARG A 421 -40.88 -27.93 3.60
N ARG A 422 -41.54 -28.06 4.75
CA ARG A 422 -41.52 -27.00 5.75
C ARG A 422 -40.10 -26.73 6.24
N LEU A 423 -39.34 -27.77 6.58
CA LEU A 423 -37.99 -27.52 7.07
C LEU A 423 -37.04 -27.20 5.92
N HIS A 424 -37.22 -27.86 4.77
CA HIS A 424 -36.27 -27.69 3.67
C HIS A 424 -36.30 -26.26 3.13
N TYR A 425 -37.49 -25.76 2.78
CA TYR A 425 -37.57 -24.43 2.20
C TYR A 425 -37.15 -23.36 3.20
N GLU A 426 -37.59 -23.49 4.45
CA GLU A 426 -37.21 -22.51 5.46
C GLU A 426 -35.71 -22.54 5.74
N GLY A 427 -35.10 -23.73 5.69
CA GLY A 427 -33.67 -23.82 5.88
C GLY A 427 -32.89 -23.21 4.74
N LEU A 428 -33.35 -23.43 3.51
CA LEU A 428 -32.70 -22.79 2.37
C LEU A 428 -32.81 -21.27 2.48
N ILE A 429 -33.99 -20.77 2.90
CA ILE A 429 -34.17 -19.33 3.08
C ILE A 429 -33.21 -18.80 4.13
N PHE A 430 -33.11 -19.51 5.26
CA PHE A 430 -32.21 -19.08 6.34
C PHE A 430 -30.76 -19.07 5.86
N ARG A 431 -30.37 -20.09 5.07
CA ARG A 431 -29.03 -20.13 4.50
C ARG A 431 -28.77 -18.91 3.64
N PHE A 432 -29.73 -18.57 2.77
CA PHE A 432 -29.57 -17.37 1.94
C PHE A 432 -29.41 -16.14 2.81
N LYS A 433 -30.24 -16.01 3.84
CA LYS A 433 -30.23 -14.81 4.66
C LYS A 433 -28.87 -14.62 5.31
N PHE A 434 -28.35 -15.68 5.92
CA PHE A 434 -27.06 -15.59 6.59
C PHE A 434 -25.94 -15.31 5.60
N LEU A 435 -25.96 -15.99 4.44
CA LEU A 435 -24.92 -15.77 3.45
C LEU A 435 -24.95 -14.34 2.91
N MET A 436 -26.14 -13.81 2.66
CA MET A 436 -26.26 -12.46 2.14
C MET A 436 -25.79 -11.43 3.15
N LEU A 437 -26.14 -11.62 4.43
CA LEU A 437 -25.67 -10.72 5.47
C LEU A 437 -24.14 -10.75 5.55
N ILE A 438 -23.56 -11.96 5.48
CA ILE A 438 -22.11 -12.08 5.43
C ILE A 438 -21.56 -11.30 4.25
N THR A 439 -22.24 -11.36 3.11
CA THR A 439 -21.77 -10.69 1.91
C THR A 439 -21.73 -9.18 2.09
N LEU A 440 -22.81 -8.58 2.63
CA LEU A 440 -22.76 -7.13 2.84
C LEU A 440 -21.70 -6.76 3.86
N ALA A 441 -21.55 -7.56 4.92
CA ALA A 441 -20.53 -7.26 5.92
C ALA A 441 -19.14 -7.27 5.31
N CYS A 442 -18.85 -8.28 4.49
CA CYS A 442 -17.54 -8.37 3.85
C CYS A 442 -17.33 -7.23 2.87
N ALA A 443 -18.38 -6.84 2.14
CA ALA A 443 -18.26 -5.71 1.20
C ALA A 443 -17.96 -4.42 1.95
N ALA A 444 -18.63 -4.20 3.07
CA ALA A 444 -18.36 -3.01 3.87
C ALA A 444 -16.93 -3.00 4.37
N MET A 445 -16.45 -4.15 4.87
CA MET A 445 -15.08 -4.19 5.36
C MET A 445 -14.08 -4.00 4.23
N THR A 446 -14.40 -4.48 3.02
CA THR A 446 -13.52 -4.25 1.88
C THR A 446 -13.46 -2.78 1.48
N VAL A 447 -14.60 -2.09 1.52
CA VAL A 447 -14.59 -0.65 1.23
C VAL A 447 -13.74 0.09 2.27
N ILE A 448 -13.95 -0.25 3.55
CA ILE A 448 -13.15 0.36 4.61
C ILE A 448 -11.67 0.06 4.39
N PHE A 449 -11.36 -1.17 3.96
CA PHE A 449 -9.97 -1.53 3.71
C PHE A 449 -9.36 -0.68 2.60
N PHE A 450 -10.12 -0.45 1.53
CA PHE A 450 -9.58 0.37 0.45
C PHE A 450 -9.28 1.78 0.95
N ILE A 451 -10.23 2.37 1.68
CA ILE A 451 -10.02 3.74 2.17
C ILE A 451 -8.82 3.78 3.11
N VAL A 452 -8.73 2.81 4.02
CA VAL A 452 -7.66 2.80 5.01
C VAL A 452 -6.31 2.59 4.35
N SER A 453 -6.22 1.66 3.40
CA SER A 453 -4.97 1.44 2.68
C SER A 453 -4.56 2.68 1.89
N GLN A 454 -5.53 3.48 1.45
CA GLN A 454 -5.16 4.73 0.81
C GLN A 454 -4.70 5.79 1.80
N VAL A 455 -5.28 5.85 3.00
CA VAL A 455 -4.90 6.92 3.91
C VAL A 455 -3.61 6.60 4.66
N THR A 456 -3.39 5.33 5.01
CA THR A 456 -2.22 4.95 5.82
C THR A 456 -0.91 5.21 5.09
N GLN A 468 -3.29 6.70 9.46
CA GLN A 468 -2.35 6.67 10.57
C GLN A 468 -2.64 5.49 11.49
N VAL A 469 -3.12 4.39 10.91
CA VAL A 469 -3.47 3.21 11.68
C VAL A 469 -2.22 2.58 12.25
N ASN A 470 -2.22 2.37 13.57
CA ASN A 470 -1.11 1.70 14.24
C ASN A 470 -1.34 0.21 14.44
N SER A 471 -2.52 -0.29 14.08
CA SER A 471 -2.89 -1.68 14.33
C SER A 471 -2.79 -2.49 13.05
N ALA A 472 -2.29 -3.73 13.18
CA ALA A 472 -2.13 -4.62 12.04
C ALA A 472 -3.39 -5.47 11.86
N PHE A 473 -4.45 -4.80 11.39
CA PHE A 473 -5.66 -5.51 11.00
C PHE A 473 -5.62 -5.97 9.56
N PHE A 474 -4.58 -5.62 8.80
CA PHE A 474 -4.44 -6.09 7.43
C PHE A 474 -4.49 -7.62 7.39
N THR A 475 -3.79 -8.25 8.32
CA THR A 475 -3.71 -9.70 8.36
C THR A 475 -5.09 -10.31 8.53
N GLY A 476 -5.87 -9.78 9.45
CA GLY A 476 -7.21 -10.28 9.69
C GLY A 476 -8.14 -10.13 8.52
N ILE A 477 -8.11 -8.98 7.85
CA ILE A 477 -9.04 -8.76 6.76
C ILE A 477 -8.64 -9.59 5.53
N TYR A 478 -7.35 -9.81 5.32
CA TYR A 478 -6.96 -10.74 4.27
C TYR A 478 -7.42 -12.16 4.61
N GLY A 479 -7.30 -12.55 5.88
CA GLY A 479 -7.87 -13.81 6.30
C GLY A 479 -9.37 -13.86 6.07
N MET A 480 -10.05 -12.73 6.24
CA MET A 480 -11.48 -12.67 5.99
C MET A 480 -11.80 -12.95 4.53
N TRP A 481 -11.07 -12.32 3.61
CA TRP A 481 -11.28 -12.61 2.20
C TRP A 481 -11.06 -14.10 1.90
N ASN A 482 -9.96 -14.66 2.40
CA ASN A 482 -9.69 -16.07 2.14
C ASN A 482 -10.79 -16.95 2.70
N LEU A 483 -11.23 -16.68 3.92
CA LEU A 483 -12.24 -17.52 4.56
C LEU A 483 -13.58 -17.39 3.85
N TYR A 484 -13.93 -16.19 3.40
CA TYR A 484 -15.18 -16.00 2.68
C TYR A 484 -15.19 -16.79 1.38
N VAL A 485 -14.12 -16.68 0.59
CA VAL A 485 -14.09 -17.40 -0.68
C VAL A 485 -14.07 -18.90 -0.42
N PHE A 486 -13.35 -19.33 0.61
CA PHE A 486 -13.36 -20.73 1.04
C PHE A 486 -14.77 -21.20 1.35
N ALA A 487 -15.51 -20.40 2.12
CA ALA A 487 -16.87 -20.78 2.48
C ALA A 487 -17.75 -20.90 1.25
N LEU A 488 -17.58 -20.00 0.29
CA LEU A 488 -18.39 -20.09 -0.92
C LEU A 488 -18.11 -21.38 -1.68
N MET A 489 -16.84 -21.71 -1.90
CA MET A 489 -16.59 -22.97 -2.60
C MET A 489 -17.08 -24.17 -1.82
N PHE A 490 -16.93 -24.13 -0.49
CA PHE A 490 -17.41 -25.23 0.34
C PHE A 490 -18.92 -25.38 0.22
N LEU A 491 -19.64 -24.26 0.19
CA LEU A 491 -21.10 -24.32 0.23
C LEU A 491 -21.70 -24.72 -1.12
N TYR A 492 -21.08 -24.32 -2.22
CA TYR A 492 -21.72 -24.52 -3.51
C TYR A 492 -21.28 -25.78 -4.25
N ALA A 493 -20.48 -26.64 -3.62
CA ALA A 493 -20.15 -27.92 -4.24
C ALA A 493 -21.31 -28.90 -4.08
N PRO A 494 -21.42 -29.88 -4.98
CA PRO A 494 -22.43 -30.94 -4.79
C PRO A 494 -22.14 -31.79 -3.56
N SER A 495 -23.19 -32.31 -2.95
CA SER A 495 -23.05 -33.07 -1.72
C SER A 495 -22.77 -34.55 -1.99
N HIS A 496 -22.18 -35.20 -0.98
CA HIS A 496 -22.06 -36.65 -0.99
C HIS A 496 -23.45 -37.27 -0.96
N LYS A 497 -23.65 -38.32 -1.75
CA LYS A 497 -24.96 -38.94 -1.85
C LYS A 497 -25.40 -39.49 -0.50
N ASN A 498 -26.67 -39.23 -0.15
CA ASN A 498 -27.22 -39.65 1.13
C ASN A 498 -27.47 -41.15 1.15
#